data_6H5G
#
_entry.id   6H5G
#
_cell.length_a   46.726
_cell.length_b   114.632
_cell.length_c   42.550
_cell.angle_alpha   90.00
_cell.angle_beta   90.00
_cell.angle_gamma   90.00
#
_symmetry.space_group_name_H-M   'P 21 21 2'
#
loop_
_entity.id
_entity.type
_entity.pdbx_description
1 polymer '3-dehydroquinate dehydratase'
2 non-polymer '(1~{R},3~{S},4~{R},5~{R})-3-methyl-4,5-bis(hydroxyl)cyclohexane-1-carboxylic acid'
3 water water
#
_entity_poly.entity_id   1
_entity_poly.type   'polypeptide(L)'
_entity_poly.pdbx_seq_one_letter_code
;MKTVTVKNLIIGEGMPKIIVSLMGRDINSVKAEALAYREATFDILEWRVDHFMDIASTQSVLTAARVIRDAMPDIPLLFT
FRSAKEGGEQTITTQHYLTLNRAAIDSGLVDMIDLELFTGDADVKATVDYAHAHNVYVVMSNHDFHQTPSAEEMVLRLRK
MQALGADIPKIAVMPQSKHDVLTLLTATLEMQQHYADRPVITMSMAKEGVISRLAGEVFGSAATFGAVKQASAPGQIAVN
DLRSVLMILHNA
;
_entity_poly.pdbx_strand_id   A
#
# COMPACT_ATOMS: atom_id res chain seq x y z
N MET A 1 -4.81 5.21 -18.92
CA MET A 1 -4.80 4.43 -17.66
CA MET A 1 -4.82 4.43 -17.66
C MET A 1 -4.68 2.94 -17.96
N LYS A 2 -3.81 2.29 -17.20
CA LYS A 2 -3.69 0.84 -17.18
C LYS A 2 -4.09 0.39 -15.77
N THR A 3 -5.30 -0.12 -15.62
CA THR A 3 -5.78 -0.63 -14.33
C THR A 3 -5.08 -1.93 -13.95
N VAL A 4 -5.20 -2.30 -12.68
CA VAL A 4 -4.60 -3.51 -12.15
C VAL A 4 -5.71 -4.38 -11.60
N THR A 5 -5.89 -5.58 -12.17
CA THR A 5 -6.91 -6.50 -11.71
C THR A 5 -6.25 -7.66 -10.98
N VAL A 6 -6.66 -7.84 -9.74
CA VAL A 6 -6.21 -8.96 -8.92
CA VAL A 6 -6.22 -8.95 -8.90
C VAL A 6 -7.46 -9.67 -8.42
N LYS A 7 -7.59 -10.94 -8.76
CA LYS A 7 -8.71 -11.73 -8.33
C LYS A 7 -10.05 -11.03 -8.54
N ASN A 8 -10.30 -10.53 -9.74
CA ASN A 8 -11.61 -9.89 -9.97
C ASN A 8 -11.83 -8.56 -9.19
N LEU A 9 -10.79 -8.02 -8.52
CA LEU A 9 -10.83 -6.66 -7.99
C LEU A 9 -10.08 -5.77 -8.98
N ILE A 10 -10.73 -4.69 -9.46
CA ILE A 10 -10.12 -3.79 -10.42
C ILE A 10 -9.67 -2.52 -9.68
N ILE A 11 -8.35 -2.33 -9.60
CA ILE A 11 -7.76 -1.17 -8.96
C ILE A 11 -7.52 -0.10 -10.02
N GLY A 12 -8.07 1.09 -9.77
CA GLY A 12 -7.98 2.18 -10.73
C GLY A 12 -9.28 2.51 -11.46
N GLU A 13 -10.37 1.90 -11.03
CA GLU A 13 -11.74 2.20 -11.49
C GLU A 13 -12.65 2.24 -10.29
N GLY A 14 -13.78 2.91 -10.41
CA GLY A 14 -14.81 2.83 -9.40
C GLY A 14 -14.40 3.40 -8.05
N MET A 15 -14.95 2.83 -7.00
CA MET A 15 -14.70 3.27 -5.63
CA MET A 15 -14.63 3.29 -5.64
C MET A 15 -13.25 2.93 -5.24
N PRO A 16 -12.58 3.79 -4.45
CA PRO A 16 -11.28 3.40 -3.93
C PRO A 16 -11.38 2.08 -3.18
N LYS A 17 -10.36 1.25 -3.34
CA LYS A 17 -10.33 -0.07 -2.70
C LYS A 17 -9.81 0.03 -1.29
N ILE A 18 -10.44 -0.73 -0.40
CA ILE A 18 -10.12 -0.71 1.01
C ILE A 18 -9.06 -1.76 1.31
N ILE A 19 -7.95 -1.31 1.90
CA ILE A 19 -6.87 -2.16 2.32
C ILE A 19 -6.83 -2.16 3.84
N VAL A 20 -6.64 -3.34 4.43
CA VAL A 20 -6.36 -3.44 5.87
C VAL A 20 -5.04 -4.17 6.03
N SER A 21 -4.37 -3.91 7.14
CA SER A 21 -3.06 -4.46 7.38
C SER A 21 -3.07 -5.43 8.55
N LEU A 22 -2.60 -6.64 8.29
CA LEU A 22 -2.45 -7.68 9.30
C LEU A 22 -1.07 -7.56 9.89
N MET A 23 -1.04 -7.46 11.22
CA MET A 23 0.18 -7.26 12.02
C MET A 23 0.21 -8.38 13.05
N GLY A 24 1.11 -9.32 12.86
CA GLY A 24 1.33 -10.39 13.82
C GLY A 24 2.80 -10.54 14.10
N ARG A 25 3.13 -10.69 15.37
CA ARG A 25 4.53 -10.77 15.76
C ARG A 25 5.12 -12.14 15.58
N ASP A 26 4.26 -13.16 15.61
CA ASP A 26 4.70 -14.53 15.56
C ASP A 26 3.66 -15.38 14.88
N ILE A 27 4.01 -16.62 14.63
CA ILE A 27 3.15 -17.49 13.84
C ILE A 27 1.75 -17.67 14.48
N ASN A 28 1.69 -17.81 15.80
CA ASN A 28 0.40 -17.95 16.47
C ASN A 28 -0.46 -16.70 16.35
N SER A 29 0.15 -15.54 16.46
CA SER A 29 -0.60 -14.30 16.33
C SER A 29 -1.00 -14.03 14.88
N VAL A 30 -0.16 -14.39 13.92
CA VAL A 30 -0.57 -14.30 12.52
C VAL A 30 -1.82 -15.15 12.28
N LYS A 31 -1.84 -16.38 12.81
CA LYS A 31 -3.01 -17.27 12.70
CA LYS A 31 -3.02 -17.22 12.62
C LYS A 31 -4.25 -16.60 13.26
N ALA A 32 -4.14 -16.14 14.49
CA ALA A 32 -5.29 -15.53 15.17
C ALA A 32 -5.78 -14.30 14.41
N GLU A 33 -4.86 -13.46 13.96
CA GLU A 33 -5.26 -12.28 13.21
C GLU A 33 -5.93 -12.64 11.88
N ALA A 34 -5.41 -13.65 11.18
CA ALA A 34 -6.01 -14.04 9.90
C ALA A 34 -7.45 -14.52 10.09
N LEU A 35 -7.69 -15.30 11.15
CA LEU A 35 -9.03 -15.78 11.42
C LEU A 35 -9.97 -14.65 11.82
N ALA A 36 -9.48 -13.61 12.50
CA ALA A 36 -10.30 -12.44 12.82
C ALA A 36 -10.55 -11.61 11.58
N TYR A 37 -9.50 -11.39 10.78
CA TYR A 37 -9.60 -10.51 9.63
C TYR A 37 -10.57 -11.01 8.59
N ARG A 38 -10.72 -12.33 8.47
CA ARG A 38 -11.61 -12.84 7.44
C ARG A 38 -13.10 -12.62 7.80
N GLU A 39 -13.36 -12.10 9.00
CA GLU A 39 -14.71 -11.68 9.39
C GLU A 39 -14.92 -10.18 9.28
N ALA A 40 -13.99 -9.48 8.62
CA ALA A 40 -14.12 -8.06 8.27
C ALA A 40 -14.32 -7.95 6.76
N THR A 41 -14.88 -6.82 6.31
CA THR A 41 -15.15 -6.58 4.90
C THR A 41 -14.18 -5.54 4.39
N PHE A 42 -13.43 -5.93 3.38
CA PHE A 42 -12.44 -5.08 2.76
C PHE A 42 -12.03 -5.69 1.43
N ASP A 43 -11.26 -4.97 0.65
CA ASP A 43 -10.91 -5.41 -0.70
C ASP A 43 -9.54 -6.09 -0.81
N ILE A 44 -8.54 -5.60 -0.08
CA ILE A 44 -7.17 -6.11 -0.19
C ILE A 44 -6.63 -6.32 1.21
N LEU A 45 -5.98 -7.46 1.42
CA LEU A 45 -5.28 -7.72 2.64
C LEU A 45 -3.80 -7.40 2.46
N GLU A 46 -3.25 -6.49 3.26
CA GLU A 46 -1.82 -6.27 3.34
C GLU A 46 -1.26 -7.02 4.52
N TRP A 47 -0.25 -7.85 4.32
CA TRP A 47 0.49 -8.43 5.44
C TRP A 47 1.70 -7.52 5.72
N ARG A 48 1.72 -6.89 6.90
CA ARG A 48 2.85 -6.07 7.33
C ARG A 48 3.91 -6.98 7.94
N VAL A 49 4.78 -7.45 7.07
CA VAL A 49 5.81 -8.41 7.38
C VAL A 49 6.80 -7.86 8.39
N ASP A 50 7.01 -6.54 8.39
CA ASP A 50 7.96 -5.95 9.34
C ASP A 50 7.52 -6.09 10.80
N HIS A 51 6.24 -6.36 11.07
CA HIS A 51 5.81 -6.64 12.43
C HIS A 51 6.18 -8.05 12.90
N PHE A 52 6.54 -8.93 11.97
CA PHE A 52 6.86 -10.33 12.28
C PHE A 52 8.27 -10.43 12.83
N MET A 53 8.43 -11.04 14.00
CA MET A 53 9.74 -10.99 14.66
C MET A 53 10.78 -11.97 14.06
N ASP A 54 10.35 -13.08 13.51
CA ASP A 54 11.26 -14.09 12.97
C ASP A 54 11.59 -13.84 11.50
N ILE A 55 12.04 -12.62 11.24
CA ILE A 55 12.26 -12.08 9.93
C ILE A 55 13.47 -12.67 9.24
N ALA A 56 14.42 -13.15 10.03
CA ALA A 56 15.69 -13.64 9.49
C ALA A 56 15.49 -14.92 8.70
N SER A 57 14.46 -15.69 9.04
CA SER A 57 14.17 -16.93 8.36
C SER A 57 13.16 -16.76 7.23
N THR A 58 13.65 -16.88 6.01
CA THR A 58 12.77 -16.82 4.85
C THR A 58 11.68 -17.89 4.95
N GLN A 59 12.05 -19.10 5.39
CA GLN A 59 11.04 -20.15 5.51
C GLN A 59 9.99 -19.83 6.59
N SER A 60 10.36 -19.22 7.71
CA SER A 60 9.36 -18.81 8.72
C SER A 60 8.38 -17.79 8.14
N VAL A 61 8.93 -16.86 7.35
CA VAL A 61 8.10 -15.87 6.67
C VAL A 61 7.13 -16.55 5.69
N LEU A 62 7.62 -17.50 4.91
CA LEU A 62 6.76 -18.21 3.97
C LEU A 62 5.70 -19.05 4.69
N THR A 63 6.04 -19.65 5.83
CA THR A 63 5.04 -20.40 6.60
C THR A 63 3.90 -19.48 7.06
N ALA A 64 4.26 -18.29 7.50
CA ALA A 64 3.25 -17.32 7.92
C ALA A 64 2.39 -16.85 6.74
N ALA A 65 3.02 -16.63 5.57
CA ALA A 65 2.26 -16.25 4.38
C ALA A 65 1.21 -17.31 4.05
N ARG A 66 1.61 -18.57 4.19
CA ARG A 66 0.67 -19.65 3.91
C ARG A 66 -0.49 -19.71 4.90
N VAL A 67 -0.22 -19.44 6.17
CA VAL A 67 -1.30 -19.36 7.17
C VAL A 67 -2.35 -18.34 6.72
N ILE A 68 -1.87 -17.20 6.24
CA ILE A 68 -2.78 -16.15 5.81
C ILE A 68 -3.58 -16.54 4.56
N ARG A 69 -2.88 -17.05 3.55
CA ARG A 69 -3.54 -17.47 2.31
C ARG A 69 -4.53 -18.62 2.58
N ASP A 70 -4.16 -19.56 3.46
CA ASP A 70 -5.07 -20.65 3.82
C ASP A 70 -6.34 -20.14 4.48
N ALA A 71 -6.21 -19.14 5.35
CA ALA A 71 -7.36 -18.56 6.02
C ALA A 71 -8.26 -17.81 5.07
N MET A 72 -7.66 -17.16 4.05
CA MET A 72 -8.38 -16.33 3.07
C MET A 72 -7.94 -16.67 1.65
N PRO A 73 -8.45 -17.79 1.13
CA PRO A 73 -7.99 -18.25 -0.19
C PRO A 73 -8.30 -17.31 -1.36
N ASP A 74 -9.31 -16.45 -1.22
CA ASP A 74 -9.79 -15.65 -2.35
C ASP A 74 -9.44 -14.17 -2.25
N ILE A 75 -8.72 -13.77 -1.20
CA ILE A 75 -8.46 -12.36 -1.01
C ILE A 75 -7.24 -11.90 -1.82
N PRO A 76 -7.29 -10.73 -2.44
CA PRO A 76 -6.06 -10.12 -2.93
C PRO A 76 -5.09 -9.90 -1.77
N LEU A 77 -3.85 -10.37 -1.90
CA LEU A 77 -2.87 -10.36 -0.84
C LEU A 77 -1.63 -9.59 -1.27
N LEU A 78 -1.32 -8.55 -0.50
CA LEU A 78 -0.20 -7.64 -0.69
C LEU A 78 0.83 -7.90 0.42
N PHE A 79 2.04 -8.23 0.01
CA PHE A 79 3.15 -8.53 0.92
C PHE A 79 4.00 -7.28 1.09
N THR A 80 4.05 -6.75 2.31
CA THR A 80 4.74 -5.49 2.58
C THR A 80 5.70 -5.60 3.76
N PHE A 81 6.98 -5.48 3.48
CA PHE A 81 7.95 -5.19 4.53
C PHE A 81 8.19 -3.68 4.53
N ARG A 82 7.69 -2.99 5.55
CA ARG A 82 7.91 -1.55 5.68
C ARG A 82 9.16 -1.33 6.52
N SER A 83 10.17 -0.70 5.94
CA SER A 83 11.40 -0.45 6.68
C SER A 83 11.20 0.55 7.79
N ALA A 84 11.95 0.41 8.89
CA ALA A 84 11.94 1.40 9.95
C ALA A 84 12.29 2.77 9.40
N LYS A 85 13.17 2.82 8.40
CA LYS A 85 13.52 4.05 7.72
C LYS A 85 12.26 4.79 7.23
N GLU A 86 11.26 4.05 6.76
CA GLU A 86 9.98 4.60 6.27
C GLU A 86 8.81 4.32 7.20
N GLY A 87 9.09 4.23 8.50
CA GLY A 87 8.04 4.20 9.51
C GLY A 87 7.57 2.84 9.95
N GLY A 88 8.29 1.79 9.51
CA GLY A 88 8.01 0.42 9.87
C GLY A 88 8.66 0.02 11.18
N GLU A 89 8.59 -1.27 11.48
CA GLU A 89 8.96 -1.75 12.83
C GLU A 89 10.39 -2.17 13.00
N GLN A 90 11.10 -2.51 11.92
CA GLN A 90 12.45 -3.00 12.07
C GLN A 90 13.25 -2.74 10.80
N THR A 91 14.55 -2.97 10.94
CA THR A 91 15.52 -2.78 9.89
C THR A 91 16.19 -4.10 9.52
N ILE A 92 16.27 -4.35 8.21
CA ILE A 92 16.98 -5.50 7.63
C ILE A 92 17.88 -4.98 6.51
N THR A 93 18.81 -5.78 6.06
CA THR A 93 19.65 -5.36 4.97
C THR A 93 18.85 -5.28 3.69
N THR A 94 19.34 -4.49 2.74
CA THR A 94 18.73 -4.45 1.43
C THR A 94 18.70 -5.82 0.79
N GLN A 95 19.80 -6.56 0.91
CA GLN A 95 19.80 -7.89 0.30
CA GLN A 95 19.88 -7.93 0.36
C GLN A 95 18.76 -8.81 0.92
N HIS A 96 18.58 -8.76 2.24
CA HIS A 96 17.57 -9.60 2.84
C HIS A 96 16.14 -9.14 2.49
N TYR A 97 15.94 -7.83 2.42
CA TYR A 97 14.67 -7.26 1.93
C TYR A 97 14.30 -7.79 0.54
N LEU A 98 15.27 -7.78 -0.36
CA LEU A 98 15.02 -8.28 -1.70
C LEU A 98 14.79 -9.80 -1.68
N THR A 99 15.56 -10.52 -0.89
CA THR A 99 15.36 -11.95 -0.77
C THR A 99 13.94 -12.31 -0.31
N LEU A 100 13.45 -11.59 0.70
CA LEU A 100 12.10 -11.86 1.21
C LEU A 100 11.06 -11.58 0.15
N ASN A 101 11.17 -10.44 -0.52
CA ASN A 101 10.22 -10.12 -1.57
C ASN A 101 10.24 -11.11 -2.73
N ARG A 102 11.44 -11.54 -3.11
CA ARG A 102 11.53 -12.54 -4.18
C ARG A 102 10.97 -13.90 -3.76
N ALA A 103 11.18 -14.26 -2.51
CA ALA A 103 10.60 -15.50 -1.99
C ALA A 103 9.06 -15.42 -1.98
N ALA A 104 8.53 -14.27 -1.60
CA ALA A 104 7.09 -14.05 -1.67
C ALA A 104 6.57 -14.20 -3.10
N ILE A 105 7.28 -13.58 -4.04
CA ILE A 105 6.94 -13.69 -5.46
C ILE A 105 6.93 -15.16 -5.90
N ASP A 106 8.01 -15.86 -5.58
CA ASP A 106 8.17 -17.25 -6.00
C ASP A 106 7.13 -18.19 -5.42
N SER A 107 6.59 -17.87 -4.26
CA SER A 107 5.70 -18.78 -3.55
C SER A 107 4.37 -19.00 -4.23
N GLY A 108 3.94 -18.04 -5.07
CA GLY A 108 2.60 -18.06 -5.65
C GLY A 108 1.50 -17.68 -4.66
N LEU A 109 1.86 -17.37 -3.42
CA LEU A 109 0.89 -17.10 -2.37
C LEU A 109 0.38 -15.69 -2.39
N VAL A 110 1.15 -14.76 -2.99
CA VAL A 110 0.80 -13.33 -2.93
C VAL A 110 0.54 -12.79 -4.33
N ASP A 111 -0.36 -11.82 -4.37
CA ASP A 111 -0.74 -11.19 -5.62
C ASP A 111 0.09 -9.96 -5.95
N MET A 112 0.56 -9.27 -4.91
CA MET A 112 1.25 -8.00 -5.02
CA MET A 112 1.28 -8.03 -5.04
C MET A 112 2.35 -7.95 -3.97
N ILE A 113 3.42 -7.21 -4.27
CA ILE A 113 4.41 -6.83 -3.27
C ILE A 113 4.52 -5.32 -3.23
N ASP A 114 4.96 -4.82 -2.08
CA ASP A 114 5.34 -3.42 -1.91
C ASP A 114 6.85 -3.32 -2.06
N LEU A 115 7.31 -2.37 -2.87
CA LEU A 115 8.70 -2.08 -3.03
CA LEU A 115 8.75 -2.06 -2.94
C LEU A 115 8.92 -0.59 -2.71
N GLU A 116 9.80 -0.26 -1.77
CA GLU A 116 10.07 1.15 -1.45
C GLU A 116 10.97 1.74 -2.51
N LEU A 117 10.53 2.83 -3.12
CA LEU A 117 11.30 3.54 -4.15
C LEU A 117 12.74 3.80 -3.72
N PHE A 118 12.92 4.30 -2.50
CA PHE A 118 14.25 4.73 -2.09
C PHE A 118 15.17 3.60 -1.63
N THR A 119 14.77 2.36 -1.88
CA THR A 119 15.69 1.24 -1.81
C THR A 119 16.87 1.39 -2.77
N GLY A 120 16.62 2.02 -3.92
CA GLY A 120 17.65 2.30 -4.92
C GLY A 120 17.16 1.89 -6.29
N ASP A 121 17.40 2.73 -7.28
CA ASP A 121 16.78 2.51 -8.59
C ASP A 121 17.09 1.15 -9.21
N ALA A 122 18.36 0.76 -9.22
CA ALA A 122 18.72 -0.48 -9.92
C ALA A 122 18.13 -1.70 -9.25
N ASP A 123 18.19 -1.77 -7.93
CA ASP A 123 17.59 -2.88 -7.21
C ASP A 123 16.07 -2.89 -7.38
N VAL A 124 15.45 -1.72 -7.36
CA VAL A 124 14.01 -1.65 -7.51
C VAL A 124 13.60 -2.12 -8.89
N LYS A 125 14.26 -1.60 -9.93
CA LYS A 125 13.92 -2.00 -11.28
C LYS A 125 14.10 -3.49 -11.50
N ALA A 126 15.18 -4.06 -10.99
CA ALA A 126 15.42 -5.51 -11.14
C ALA A 126 14.36 -6.37 -10.47
N THR A 127 13.90 -5.86 -9.32
CA THR A 127 12.91 -6.60 -8.56
C THR A 127 11.53 -6.44 -9.18
N VAL A 128 11.24 -5.26 -9.73
CA VAL A 128 10.01 -5.09 -10.49
C VAL A 128 9.97 -6.05 -11.68
N ASP A 129 11.07 -6.15 -12.39
CA ASP A 129 11.09 -7.03 -13.56
C ASP A 129 10.95 -8.49 -13.11
N TYR A 130 11.52 -8.86 -11.98
CA TYR A 130 11.36 -10.22 -11.45
C TYR A 130 9.88 -10.49 -11.09
N ALA A 131 9.26 -9.52 -10.41
CA ALA A 131 7.84 -9.66 -10.08
C ALA A 131 6.98 -9.86 -11.33
N HIS A 132 7.23 -9.02 -12.33
CA HIS A 132 6.45 -9.07 -13.56
C HIS A 132 6.65 -10.36 -14.33
N ALA A 133 7.86 -10.93 -14.26
CA ALA A 133 8.15 -12.21 -14.89
C ALA A 133 7.39 -13.35 -14.22
N HIS A 134 6.90 -13.13 -13.00
CA HIS A 134 6.21 -14.15 -12.24
C HIS A 134 4.78 -13.76 -11.86
N ASN A 135 4.20 -12.85 -12.67
CA ASN A 135 2.79 -12.45 -12.55
C ASN A 135 2.43 -11.92 -11.16
N VAL A 136 3.32 -11.11 -10.61
CA VAL A 136 3.05 -10.39 -9.38
C VAL A 136 3.13 -8.90 -9.67
N TYR A 137 2.16 -8.15 -9.15
CA TYR A 137 2.14 -6.69 -9.32
C TYR A 137 2.92 -6.01 -8.21
N VAL A 138 3.35 -4.79 -8.50
CA VAL A 138 4.17 -4.01 -7.56
C VAL A 138 3.47 -2.70 -7.21
N VAL A 139 3.24 -2.53 -5.91
CA VAL A 139 2.91 -1.25 -5.30
C VAL A 139 4.25 -0.63 -4.94
N MET A 140 4.66 0.41 -5.64
CA MET A 140 5.93 1.05 -5.32
C MET A 140 5.64 2.21 -4.41
N SER A 141 6.41 2.37 -3.35
CA SER A 141 5.95 3.19 -2.25
C SER A 141 7.01 4.15 -1.72
N ASN A 142 6.51 5.17 -1.05
CA ASN A 142 7.33 6.13 -0.35
C ASN A 142 6.53 6.71 0.79
N HIS A 143 7.19 6.94 1.92
CA HIS A 143 6.54 7.43 3.12
C HIS A 143 7.43 8.46 3.77
N ASP A 144 6.86 9.62 4.09
CA ASP A 144 7.55 10.65 4.84
C ASP A 144 6.74 10.88 6.11
N PHE A 145 7.29 10.39 7.22
CA PHE A 145 6.63 10.49 8.51
C PHE A 145 6.89 11.80 9.23
N HIS A 146 7.66 12.70 8.61
CA HIS A 146 8.01 13.97 9.19
C HIS A 146 7.29 15.16 8.60
N GLN A 147 7.16 15.19 7.27
CA GLN A 147 6.74 16.40 6.59
C GLN A 147 6.11 16.05 5.25
N THR A 148 5.56 17.07 4.59
CA THR A 148 4.95 16.96 3.29
C THR A 148 5.80 17.69 2.26
N PRO A 149 6.34 17.00 1.25
CA PRO A 149 7.03 17.69 0.16
C PRO A 149 6.08 18.61 -0.60
N SER A 150 6.62 19.44 -1.48
CA SER A 150 5.75 20.22 -2.34
C SER A 150 4.94 19.30 -3.27
N ALA A 151 3.84 19.83 -3.80
CA ALA A 151 3.05 19.06 -4.76
C ALA A 151 3.89 18.68 -5.97
N GLU A 152 4.73 19.61 -6.43
CA GLU A 152 5.56 19.34 -7.59
C GLU A 152 6.56 18.20 -7.31
N GLU A 153 7.15 18.18 -6.11
CA GLU A 153 8.05 17.10 -5.73
CA GLU A 153 8.06 17.10 -5.70
C GLU A 153 7.32 15.77 -5.66
N MET A 154 6.13 15.77 -5.07
CA MET A 154 5.37 14.51 -4.95
C MET A 154 4.96 13.97 -6.31
N VAL A 155 4.53 14.85 -7.23
CA VAL A 155 4.22 14.43 -8.58
C VAL A 155 5.44 13.81 -9.26
N LEU A 156 6.60 14.49 -9.16
CA LEU A 156 7.79 13.93 -9.77
C LEU A 156 8.20 12.60 -9.15
N ARG A 157 8.01 12.46 -7.85
CA ARG A 157 8.30 11.18 -7.20
C ARG A 157 7.39 10.04 -7.69
N LEU A 158 6.09 10.32 -7.79
CA LEU A 158 5.15 9.31 -8.30
C LEU A 158 5.43 8.99 -9.77
N ARG A 159 5.80 10.00 -10.56
CA ARG A 159 6.14 9.76 -11.97
C ARG A 159 7.40 8.89 -12.08
N LYS A 160 8.37 9.08 -11.18
CA LYS A 160 9.58 8.26 -11.20
CA LYS A 160 9.58 8.26 -11.20
C LYS A 160 9.21 6.80 -10.92
N MET A 161 8.30 6.59 -9.99
CA MET A 161 7.85 5.22 -9.72
C MET A 161 7.27 4.58 -10.96
N GLN A 162 6.42 5.32 -11.68
CA GLN A 162 5.86 4.85 -12.93
CA GLN A 162 5.90 4.77 -12.92
CA GLN A 162 5.88 4.79 -12.93
C GLN A 162 7.02 4.47 -13.90
N ALA A 163 8.00 5.35 -14.01
CA ALA A 163 9.12 5.13 -14.93
C ALA A 163 9.92 3.87 -14.60
N LEU A 164 9.98 3.52 -13.32
CA LEU A 164 10.67 2.32 -12.87
C LEU A 164 9.84 1.06 -12.97
N GLY A 165 8.61 1.19 -13.45
CA GLY A 165 7.76 0.06 -13.72
C GLY A 165 6.70 -0.23 -12.71
N ALA A 166 6.49 0.66 -11.73
CA ALA A 166 5.45 0.43 -10.73
C ALA A 166 4.10 0.18 -11.39
N ASP A 167 3.37 -0.82 -10.89
CA ASP A 167 1.97 -0.94 -11.31
C ASP A 167 1.09 0.09 -10.62
N ILE A 168 1.40 0.36 -9.35
CA ILE A 168 0.62 1.29 -8.52
C ILE A 168 1.61 2.08 -7.66
N PRO A 169 1.96 3.31 -8.09
CA PRO A 169 2.73 4.21 -7.23
C PRO A 169 1.92 4.59 -5.98
N LYS A 170 2.62 4.77 -4.87
CA LYS A 170 1.98 5.10 -3.59
CA LYS A 170 1.98 5.10 -3.61
C LYS A 170 2.85 6.05 -2.81
N ILE A 171 2.22 7.10 -2.25
CA ILE A 171 2.93 8.01 -1.37
C ILE A 171 2.06 8.33 -0.16
N ALA A 172 2.69 8.31 1.01
CA ALA A 172 2.09 8.72 2.28
C ALA A 172 2.98 9.78 2.89
N VAL A 173 2.38 10.90 3.29
CA VAL A 173 3.15 12.04 3.81
C VAL A 173 2.49 12.56 5.07
N MET A 174 3.29 13.20 5.92
CA MET A 174 2.84 13.69 7.20
C MET A 174 2.58 15.18 7.10
N PRO A 175 1.33 15.62 7.36
CA PRO A 175 1.07 17.06 7.36
C PRO A 175 1.61 17.68 8.63
N GLN A 176 2.16 18.88 8.48
CA GLN A 176 2.52 19.73 9.62
C GLN A 176 1.56 20.90 9.73
N SER A 177 0.57 20.97 8.85
CA SER A 177 -0.44 22.01 8.83
C SER A 177 -1.60 21.47 8.02
N LYS A 178 -2.73 22.16 8.10
CA LYS A 178 -3.86 21.83 7.25
CA LYS A 178 -3.87 21.85 7.26
C LYS A 178 -3.58 22.12 5.79
N HIS A 179 -2.79 23.16 5.53
CA HIS A 179 -2.40 23.45 4.17
C HIS A 179 -1.69 22.26 3.51
N ASP A 180 -0.86 21.55 4.28
CA ASP A 180 -0.16 20.38 3.76
C ASP A 180 -1.12 19.30 3.29
N VAL A 181 -2.30 19.20 3.90
CA VAL A 181 -3.31 18.24 3.46
C VAL A 181 -3.80 18.62 2.07
N LEU A 182 -4.10 19.90 1.87
CA LEU A 182 -4.47 20.37 0.54
C LEU A 182 -3.35 20.16 -0.49
N THR A 183 -2.09 20.30 -0.09
CA THR A 183 -0.99 20.04 -1.00
C THR A 183 -1.02 18.59 -1.50
N LEU A 184 -1.26 17.65 -0.60
CA LEU A 184 -1.35 16.24 -0.98
C LEU A 184 -2.52 16.01 -1.93
N LEU A 185 -3.68 16.60 -1.64
CA LEU A 185 -4.80 16.47 -2.57
C LEU A 185 -4.51 17.08 -3.93
N THR A 186 -3.81 18.21 -3.94
CA THR A 186 -3.43 18.87 -5.18
C THR A 186 -2.54 17.97 -6.04
N ALA A 187 -1.55 17.35 -5.43
CA ALA A 187 -0.67 16.44 -6.16
C ALA A 187 -1.45 15.25 -6.71
N THR A 188 -2.38 14.74 -5.91
CA THR A 188 -3.21 13.60 -6.33
C THR A 188 -4.02 13.96 -7.58
N LEU A 189 -4.65 15.13 -7.53
CA LEU A 189 -5.45 15.59 -8.64
C LEU A 189 -4.58 15.81 -9.89
N GLU A 190 -3.36 16.33 -9.72
CA GLU A 190 -2.48 16.52 -10.87
C GLU A 190 -2.17 15.20 -11.55
N MET A 191 -1.95 14.13 -10.77
CA MET A 191 -1.75 12.81 -11.38
C MET A 191 -2.99 12.38 -12.17
N GLN A 192 -4.18 12.58 -11.59
CA GLN A 192 -5.42 12.18 -12.23
C GLN A 192 -5.63 12.93 -13.54
N GLN A 193 -5.28 14.21 -13.56
CA GLN A 193 -5.59 15.05 -14.71
C GLN A 193 -4.53 14.99 -15.79
N HIS A 194 -3.26 14.78 -15.41
CA HIS A 194 -2.14 14.95 -16.34
C HIS A 194 -1.18 13.79 -16.45
N TYR A 195 -1.24 12.83 -15.52
CA TYR A 195 -0.31 11.69 -15.50
C TYR A 195 -1.09 10.42 -15.16
N ALA A 196 -2.17 10.21 -15.87
CA ALA A 196 -3.13 9.14 -15.55
C ALA A 196 -2.83 7.82 -16.25
N ASP A 197 -1.58 7.39 -16.18
CA ASP A 197 -1.15 6.14 -16.78
C ASP A 197 -1.28 4.95 -15.85
N ARG A 198 -1.09 5.14 -14.54
CA ARG A 198 -1.17 4.07 -13.54
CA ARG A 198 -1.16 4.07 -13.56
C ARG A 198 -2.11 4.52 -12.43
N PRO A 199 -2.84 3.60 -11.78
CA PRO A 199 -3.52 3.99 -10.54
C PRO A 199 -2.47 4.42 -9.52
N VAL A 200 -2.78 5.46 -8.74
CA VAL A 200 -1.91 5.87 -7.65
CA VAL A 200 -1.93 5.93 -7.68
C VAL A 200 -2.69 5.84 -6.36
N ILE A 201 -1.97 5.57 -5.28
CA ILE A 201 -2.51 5.61 -3.92
C ILE A 201 -1.81 6.77 -3.20
N THR A 202 -2.60 7.67 -2.61
CA THR A 202 -2.01 8.78 -1.86
C THR A 202 -2.72 8.93 -0.52
N MET A 203 -1.99 9.45 0.45
CA MET A 203 -2.58 9.77 1.73
CA MET A 203 -2.58 9.75 1.75
C MET A 203 -1.74 10.79 2.47
N SER A 204 -2.44 11.70 3.13
CA SER A 204 -1.90 12.57 4.16
C SER A 204 -2.22 11.89 5.48
N MET A 205 -1.19 11.63 6.29
CA MET A 205 -1.35 10.88 7.53
C MET A 205 -1.90 11.74 8.66
N ALA A 206 -2.14 11.07 9.79
CA ALA A 206 -2.50 11.69 11.07
C ALA A 206 -3.91 12.26 11.04
N LYS A 207 -4.28 12.88 12.14
CA LYS A 207 -5.65 13.33 12.27
C LYS A 207 -5.99 14.38 11.23
N GLU A 208 -5.10 15.35 10.99
CA GLU A 208 -5.43 16.42 10.05
CA GLU A 208 -5.44 16.40 10.06
C GLU A 208 -5.60 15.86 8.64
N GLY A 209 -4.94 14.75 8.31
CA GLY A 209 -4.99 14.22 6.97
C GLY A 209 -6.13 13.28 6.70
N VAL A 210 -6.99 12.99 7.67
CA VAL A 210 -8.04 11.97 7.53
CA VAL A 210 -8.03 11.96 7.52
CA VAL A 210 -7.99 11.94 7.49
C VAL A 210 -8.88 12.18 6.27
N ILE A 211 -9.22 13.41 5.95
CA ILE A 211 -10.05 13.65 4.78
C ILE A 211 -9.44 13.06 3.49
N SER A 212 -8.12 13.01 3.40
CA SER A 212 -7.45 12.41 2.23
C SER A 212 -7.66 10.91 2.10
N ARG A 213 -8.00 10.26 3.20
CA ARG A 213 -8.28 8.83 3.20
C ARG A 213 -9.72 8.57 2.76
N LEU A 214 -10.54 9.62 2.72
CA LEU A 214 -11.97 9.52 2.36
C LEU A 214 -12.28 9.99 0.95
N ALA A 215 -11.49 10.93 0.42
CA ALA A 215 -11.79 11.64 -0.83
C ALA A 215 -11.07 11.07 -2.05
N GLY A 216 -10.75 9.78 -2.02
CA GLY A 216 -10.00 9.20 -3.11
C GLY A 216 -10.73 9.18 -4.43
N GLU A 217 -12.05 9.03 -4.40
CA GLU A 217 -12.75 8.89 -5.66
C GLU A 217 -12.72 10.18 -6.48
N VAL A 218 -12.98 11.30 -5.82
CA VAL A 218 -13.02 12.56 -6.55
C VAL A 218 -11.63 13.00 -7.03
N PHE A 219 -10.60 12.88 -6.18
CA PHE A 219 -9.29 13.44 -6.55
C PHE A 219 -8.29 12.45 -7.12
N GLY A 220 -8.57 11.15 -6.99
CA GLY A 220 -7.79 10.13 -7.70
C GLY A 220 -6.84 9.28 -6.89
N SER A 221 -7.22 8.91 -5.67
CA SER A 221 -6.47 7.88 -4.95
C SER A 221 -7.22 6.56 -5.12
N ALA A 222 -6.52 5.55 -5.62
CA ALA A 222 -7.14 4.27 -6.01
C ALA A 222 -7.42 3.33 -4.85
N ALA A 223 -6.85 3.60 -3.68
CA ALA A 223 -7.06 2.75 -2.52
C ALA A 223 -6.85 3.56 -1.26
N THR A 224 -7.33 3.01 -0.14
CA THR A 224 -7.28 3.68 1.13
C THR A 224 -7.24 2.62 2.22
N PHE A 225 -6.52 2.91 3.31
CA PHE A 225 -6.32 1.98 4.39
C PHE A 225 -7.23 2.27 5.55
N GLY A 226 -7.87 1.20 6.05
CA GLY A 226 -8.64 1.27 7.30
C GLY A 226 -8.06 0.35 8.35
N ALA A 227 -8.54 0.53 9.58
CA ALA A 227 -8.09 -0.23 10.76
C ALA A 227 -9.14 -1.26 11.17
N VAL A 228 -8.74 -2.51 11.35
CA VAL A 228 -9.65 -3.53 11.89
C VAL A 228 -9.80 -3.31 13.42
N LYS A 229 -8.68 -3.36 14.14
CA LYS A 229 -8.63 -2.96 15.57
C LYS A 229 -7.57 -1.92 15.94
N GLN A 230 -6.39 -2.03 15.35
CA GLN A 230 -5.29 -1.07 15.53
C GLN A 230 -4.86 -0.55 14.18
N ALA A 231 -4.59 0.75 14.11
CA ALA A 231 -4.08 1.34 12.88
C ALA A 231 -2.69 0.83 12.56
N SER A 232 -2.42 0.65 11.28
CA SER A 232 -1.07 0.35 10.82
C SER A 232 -0.27 1.59 10.43
N ALA A 233 -0.91 2.77 10.46
CA ALA A 233 -0.25 4.06 10.29
C ALA A 233 -1.16 5.12 10.86
N PRO A 234 -0.59 6.26 11.30
CA PRO A 234 -1.44 7.28 11.91
C PRO A 234 -2.49 7.82 10.96
N GLY A 235 -3.70 8.00 11.49
CA GLY A 235 -4.80 8.62 10.75
C GLY A 235 -5.82 7.63 10.20
N GLN A 236 -5.48 6.34 10.12
CA GLN A 236 -6.48 5.38 9.67
C GLN A 236 -7.65 5.36 10.64
N ILE A 237 -8.86 5.28 10.09
CA ILE A 237 -10.06 5.13 10.88
C ILE A 237 -10.57 3.70 10.82
N ALA A 238 -11.53 3.41 11.67
CA ALA A 238 -12.16 2.10 11.71
C ALA A 238 -12.67 1.69 10.34
N VAL A 239 -12.36 0.48 9.90
CA VAL A 239 -12.65 0.06 8.53
C VAL A 239 -14.13 0.16 8.13
N ASN A 240 -15.03 -0.17 9.05
CA ASN A 240 -16.45 -0.05 8.70
C ASN A 240 -16.89 1.41 8.50
N ASP A 241 -16.29 2.32 9.27
CA ASP A 241 -16.60 3.74 9.09
C ASP A 241 -16.02 4.24 7.76
N LEU A 242 -14.81 3.80 7.43
CA LEU A 242 -14.22 4.11 6.14
C LEU A 242 -15.14 3.65 5.01
N ARG A 243 -15.59 2.39 5.10
CA ARG A 243 -16.44 1.87 4.05
C ARG A 243 -17.76 2.66 3.91
N SER A 244 -18.36 3.03 5.04
CA SER A 244 -19.58 3.82 5.02
C SER A 244 -19.40 5.13 4.26
N VAL A 245 -18.31 5.83 4.53
CA VAL A 245 -18.05 7.10 3.88
C VAL A 245 -17.81 6.92 2.38
N LEU A 246 -17.01 5.91 2.01
CA LEU A 246 -16.71 5.70 0.60
C LEU A 246 -17.99 5.45 -0.20
N MET A 247 -18.90 4.66 0.38
CA MET A 247 -20.15 4.37 -0.29
CA MET A 247 -20.14 4.37 -0.30
C MET A 247 -21.02 5.62 -0.44
N ILE A 248 -21.07 6.44 0.60
CA ILE A 248 -21.84 7.71 0.53
C ILE A 248 -21.26 8.59 -0.59
N LEU A 249 -19.95 8.71 -0.68
CA LEU A 249 -19.35 9.52 -1.74
C LEU A 249 -19.52 8.94 -3.14
N HIS A 250 -19.48 7.63 -3.26
CA HIS A 250 -19.63 6.96 -4.54
C HIS A 250 -21.05 7.19 -5.08
N ASN A 251 -22.03 7.17 -4.18
CA ASN A 251 -23.46 7.27 -4.50
C ASN A 251 -24.05 8.67 -4.42
N ALA A 252 -23.26 9.67 -4.04
CA ALA A 252 -23.77 11.05 -3.86
C ALA A 252 -24.26 11.67 -5.17
#